data_6QZL
#
_entry.id   6QZL
#
_cell.length_a   88.320
_cell.length_b   91.360
_cell.length_c   152.260
_cell.angle_alpha   90.00
_cell.angle_beta   90.00
_cell.angle_gamma   90.00
#
_symmetry.space_group_name_H-M   'C 2 2 21'
#
loop_
_entity.id
_entity.type
_entity.pdbx_description
1 polymer 'BTB/POZ domain-containing protein KCTD12'
2 water water
#
_entity_poly.entity_id   1
_entity_poly.type   'polypeptide(L)'
_entity_poly.pdbx_seq_one_letter_code
;SMDGSRRSGYITIGYRGSYTIGRDAQADAKFRRVARITVCGKTSLAKEVFGDTLNESRDPDRPPERYTSRYYLKFNFLEQ
AFDKLSESGFHMVACSSTGTCAFASSTDQSEDKIWTSYTEYVFCRE
;
_entity_poly.pdbx_strand_id   A,B,C,D,E
#
# COMPACT_ATOMS: atom_id res chain seq x y z
N SER A 5 1.62 -4.86 24.83
CA SER A 5 1.57 -6.19 24.25
C SER A 5 0.45 -7.05 24.86
N ARG A 6 0.14 -6.83 26.15
CA ARG A 6 -1.00 -7.54 26.74
C ARG A 6 -2.32 -7.12 26.11
N ARG A 7 -2.40 -5.87 25.65
CA ARG A 7 -3.60 -5.41 24.95
C ARG A 7 -3.22 -5.02 23.53
N SER A 8 -2.47 -5.87 22.87
CA SER A 8 -2.15 -5.72 21.46
C SER A 8 -3.34 -6.15 20.60
N GLY A 9 -3.35 -5.69 19.35
CA GLY A 9 -4.32 -6.15 18.39
C GLY A 9 -4.58 -5.12 17.30
N TYR A 10 -5.57 -5.44 16.47
CA TYR A 10 -5.89 -4.70 15.24
C TYR A 10 -7.23 -3.98 15.33
N ILE A 11 -7.25 -2.75 14.81
CA ILE A 11 -8.47 -2.00 14.58
C ILE A 11 -8.43 -1.51 13.14
N THR A 12 -9.52 -1.72 12.42
CA THR A 12 -9.67 -1.30 11.04
C THR A 12 -10.74 -0.23 10.94
N ILE A 13 -10.37 0.88 10.29
CA ILE A 13 -11.24 2.02 10.08
C ILE A 13 -11.72 2.00 8.64
N GLY A 14 -13.02 2.10 8.43
CA GLY A 14 -13.60 2.04 7.10
C GLY A 14 -14.33 3.33 6.76
N TYR A 15 -14.43 3.61 5.46
CA TYR A 15 -14.91 4.90 4.99
C TYR A 15 -15.47 4.74 3.58
N ARG A 16 -16.74 5.08 3.39
CA ARG A 16 -17.40 5.00 2.09
C ARG A 16 -17.45 6.38 1.47
N GLY A 17 -16.82 6.54 0.31
CA GLY A 17 -16.71 7.83 -0.35
C GLY A 17 -17.23 7.77 -1.79
N SER A 18 -17.38 8.96 -2.37
CA SER A 18 -17.96 9.08 -3.71
C SER A 18 -17.34 10.26 -4.42
N TYR A 19 -17.10 10.10 -5.72
CA TYR A 19 -16.46 11.12 -6.55
C TYR A 19 -17.22 11.24 -7.86
N THR A 20 -17.28 12.47 -8.38
CA THR A 20 -18.04 12.79 -9.58
C THR A 20 -17.11 13.33 -10.66
N ILE A 21 -17.23 12.77 -11.87
CA ILE A 21 -16.46 13.25 -13.00
C ILE A 21 -17.02 14.60 -13.47
N ARG A 32 -13.49 15.83 -0.34
CA ARG A 32 -13.93 14.66 0.42
C ARG A 32 -15.18 14.97 1.22
N ARG A 33 -16.06 13.97 1.34
CA ARG A 33 -17.26 14.07 2.14
C ARG A 33 -17.46 12.77 2.90
N VAL A 34 -17.79 12.87 4.18
CA VAL A 34 -17.87 11.72 5.07
C VAL A 34 -19.30 11.56 5.56
N ALA A 35 -19.82 10.34 5.46
CA ALA A 35 -21.10 10.01 6.07
C ALA A 35 -20.97 9.14 7.31
N ARG A 36 -19.99 8.24 7.36
CA ARG A 36 -19.90 7.30 8.46
C ARG A 36 -18.52 6.64 8.47
N ILE A 37 -17.83 6.72 9.61
CA ILE A 37 -16.57 6.03 9.84
C ILE A 37 -16.85 4.76 10.62
N THR A 38 -16.56 3.60 10.03
CA THR A 38 -16.84 2.33 10.70
C THR A 38 -15.59 1.83 11.42
N VAL A 39 -15.82 1.04 12.47
CA VAL A 39 -14.76 0.52 13.31
C VAL A 39 -14.94 -0.98 13.43
N CYS A 40 -13.89 -1.74 13.10
CA CYS A 40 -13.91 -3.19 13.21
C CYS A 40 -12.74 -3.66 14.06
N GLY A 41 -13.00 -4.60 14.94
CA GLY A 41 -11.97 -5.18 15.78
C GLY A 41 -12.57 -5.70 17.07
N LYS A 42 -11.69 -6.09 17.99
CA LYS A 42 -12.16 -6.55 19.29
C LYS A 42 -12.83 -5.40 20.01
N THR A 43 -14.01 -5.66 20.59
CA THR A 43 -14.83 -4.57 21.13
C THR A 43 -14.12 -3.86 22.29
N SER A 44 -13.44 -4.61 23.16
CA SER A 44 -12.74 -3.95 24.26
C SER A 44 -11.66 -2.99 23.77
N LEU A 45 -10.99 -3.33 22.66
CA LEU A 45 -9.96 -2.44 22.14
C LEU A 45 -10.57 -1.18 21.53
N ALA A 46 -11.63 -1.34 20.75
CA ALA A 46 -12.29 -0.19 20.14
C ALA A 46 -12.82 0.74 21.23
N LYS A 47 -13.36 0.18 22.31
CA LYS A 47 -13.85 1.00 23.41
C LYS A 47 -12.71 1.75 24.09
N GLU A 48 -11.59 1.06 24.35
CA GLU A 48 -10.44 1.75 24.94
C GLU A 48 -10.02 2.93 24.08
N VAL A 49 -9.95 2.74 22.77
CA VAL A 49 -9.42 3.79 21.90
C VAL A 49 -10.40 4.97 21.80
N PHE A 50 -11.66 4.67 21.51
CA PHE A 50 -12.62 5.70 21.14
C PHE A 50 -13.60 6.09 22.26
N GLY A 51 -13.74 5.28 23.30
CA GLY A 51 -14.57 5.65 24.45
C GLY A 51 -16.01 5.96 24.06
N ASP A 52 -16.50 7.11 24.52
CA ASP A 52 -17.87 7.53 24.25
C ASP A 52 -18.07 8.12 22.86
N THR A 53 -17.02 8.31 22.05
CA THR A 53 -17.28 8.61 20.65
C THR A 53 -17.72 7.37 19.88
N LEU A 54 -17.61 6.20 20.45
CA LEU A 54 -18.04 4.98 19.79
C LEU A 54 -19.56 4.93 19.80
N ASN A 55 -20.15 4.66 18.64
CA ASN A 55 -21.59 4.45 18.51
C ASN A 55 -21.80 2.95 18.31
N GLU A 56 -22.31 2.28 19.34
CA GLU A 56 -22.52 0.84 19.31
C GLU A 56 -23.96 0.47 18.96
N SER A 57 -24.71 1.39 18.36
CA SER A 57 -26.15 1.15 18.16
C SER A 57 -26.40 0.04 17.15
N ARG A 58 -25.60 -0.02 16.07
CA ARG A 58 -25.76 -1.09 15.09
C ARG A 58 -25.33 -2.45 15.65
N ASP A 59 -24.67 -2.50 16.81
CA ASP A 59 -24.22 -3.75 17.42
C ASP A 59 -24.09 -3.57 18.93
N PRO A 60 -25.19 -3.66 19.68
CA PRO A 60 -25.16 -3.30 21.10
C PRO A 60 -24.86 -4.47 22.03
N ASP A 61 -24.28 -4.12 23.18
CA ASP A 61 -24.16 -5.02 24.33
C ASP A 61 -23.34 -6.27 24.00
N ARG A 62 -22.14 -6.06 23.47
CA ARG A 62 -21.29 -7.21 23.22
C ARG A 62 -20.30 -7.40 24.35
N PRO A 63 -19.90 -8.64 24.63
CA PRO A 63 -18.87 -8.88 25.65
C PRO A 63 -17.53 -8.34 25.20
N PRO A 64 -16.64 -8.00 26.14
CA PRO A 64 -15.40 -7.30 25.75
C PRO A 64 -14.50 -8.11 24.82
N GLU A 65 -14.44 -9.43 24.99
CA GLU A 65 -13.54 -10.25 24.20
C GLU A 65 -14.16 -10.74 22.89
N ARG A 66 -15.33 -10.24 22.54
CA ARG A 66 -15.93 -10.49 21.25
C ARG A 66 -15.45 -9.44 20.25
N TYR A 67 -15.61 -9.74 18.97
CA TYR A 67 -15.25 -8.84 17.89
C TYR A 67 -16.50 -8.24 17.25
N THR A 68 -16.31 -7.09 16.62
CA THR A 68 -17.40 -6.45 15.90
C THR A 68 -16.89 -5.94 14.56
N SER A 69 -17.81 -5.85 13.60
CA SER A 69 -17.56 -5.17 12.35
C SER A 69 -18.57 -4.06 12.10
N ARG A 70 -19.29 -3.64 13.14
CA ARG A 70 -20.42 -2.73 12.91
C ARG A 70 -20.47 -1.57 13.89
N TYR A 71 -19.40 -1.30 14.64
CA TYR A 71 -19.30 -0.05 15.35
C TYR A 71 -19.04 1.09 14.37
N TYR A 72 -19.40 2.31 14.79
CA TYR A 72 -19.06 3.49 14.02
C TYR A 72 -18.92 4.67 14.98
N LEU A 73 -18.41 5.78 14.46
CA LEU A 73 -17.93 6.89 15.29
C LEU A 73 -18.89 8.08 15.22
N LYS A 74 -18.98 8.82 16.33
CA LYS A 74 -19.88 9.97 16.42
C LYS A 74 -19.30 11.24 15.81
N PHE A 75 -18.15 11.17 15.15
CA PHE A 75 -17.62 12.31 14.39
C PHE A 75 -17.37 11.88 12.96
N ASN A 76 -17.11 12.86 12.09
CA ASN A 76 -17.08 12.58 10.66
C ASN A 76 -15.77 12.97 9.98
N PHE A 77 -14.73 13.30 10.74
CA PHE A 77 -13.42 13.58 10.15
C PHE A 77 -12.53 12.35 10.30
N LEU A 78 -12.07 11.84 9.16
CA LEU A 78 -11.24 10.64 9.17
C LEU A 78 -10.00 10.83 10.02
N GLU A 79 -9.26 11.93 9.80
CA GLU A 79 -8.04 12.16 10.55
C GLU A 79 -8.31 12.28 12.05
N GLN A 80 -9.54 12.62 12.43
CA GLN A 80 -9.89 12.67 13.84
C GLN A 80 -9.87 11.28 14.45
N ALA A 81 -10.34 10.27 13.69
CA ALA A 81 -10.22 8.88 14.12
C ALA A 81 -8.76 8.46 14.20
N PHE A 82 -7.97 8.77 13.17
CA PHE A 82 -6.55 8.38 13.17
C PHE A 82 -5.81 8.96 14.37
N ASP A 83 -6.06 10.24 14.69
CA ASP A 83 -5.39 10.88 15.82
C ASP A 83 -5.71 10.18 17.14
N LYS A 84 -6.97 9.78 17.33
CA LYS A 84 -7.31 9.04 18.54
C LYS A 84 -6.59 7.69 18.60
N LEU A 85 -6.57 6.95 17.48
CA LEU A 85 -5.80 5.71 17.45
C LEU A 85 -4.33 5.95 17.81
N SER A 86 -3.74 7.03 17.31
CA SER A 86 -2.36 7.35 17.65
C SER A 86 -2.18 7.62 19.14
N GLU A 87 -3.15 8.30 19.77
CA GLU A 87 -3.02 8.59 21.19
C GLU A 87 -3.04 7.31 22.02
N SER A 88 -3.66 6.24 21.52
CA SER A 88 -3.66 4.94 22.17
C SER A 88 -2.53 4.01 21.72
N GLY A 89 -1.57 4.50 20.95
CA GLY A 89 -0.45 3.68 20.54
C GLY A 89 -0.72 2.72 19.39
N PHE A 90 -1.78 2.92 18.62
CA PHE A 90 -2.02 2.16 17.40
C PHE A 90 -1.39 2.90 16.23
N HIS A 91 -0.82 2.15 15.28
CA HIS A 91 -0.23 2.71 14.07
C HIS A 91 -0.85 2.11 12.82
N MET A 92 -0.87 2.90 11.75
CA MET A 92 -1.44 2.47 10.48
C MET A 92 -0.43 1.56 9.78
N VAL A 93 -0.84 0.33 9.50
CA VAL A 93 0.08 -0.61 8.86
C VAL A 93 -0.36 -1.00 7.47
N ALA A 94 -1.59 -0.69 7.08
CA ALA A 94 -2.01 -1.04 5.73
C ALA A 94 -3.23 -0.21 5.37
N CYS A 95 -3.50 -0.15 4.07
CA CYS A 95 -4.59 0.63 3.54
C CYS A 95 -4.97 0.06 2.19
N SER A 96 -6.26 -0.10 1.93
CA SER A 96 -6.71 -0.53 0.62
C SER A 96 -8.01 0.16 0.26
N SER A 97 -8.28 0.23 -1.04
CA SER A 97 -9.45 0.90 -1.58
C SER A 97 -9.95 0.13 -2.79
N THR A 98 -11.26 0.10 -2.98
CA THR A 98 -11.88 -0.51 -4.15
C THR A 98 -12.87 0.45 -4.78
N GLY A 99 -12.84 0.55 -6.11
CA GLY A 99 -13.66 1.50 -6.83
C GLY A 99 -14.88 0.87 -7.49
N THR A 100 -15.79 1.75 -7.90
CA THR A 100 -17.05 1.37 -8.55
C THR A 100 -17.47 2.52 -9.47
N CYS A 101 -18.00 2.18 -10.63
CA CYS A 101 -18.49 3.16 -11.59
C CYS A 101 -20.01 3.10 -11.66
N ALA A 102 -20.64 4.25 -11.90
CA ALA A 102 -22.09 4.33 -11.93
C ALA A 102 -22.54 5.50 -12.80
N PHE A 103 -23.75 5.40 -13.31
CA PHE A 103 -24.33 6.43 -14.17
C PHE A 103 -25.02 7.51 -13.35
N LYS A 113 -21.72 11.71 -14.06
CA LYS A 113 -21.58 10.36 -13.53
C LYS A 113 -20.93 10.37 -12.15
N ILE A 114 -21.32 9.41 -11.31
CA ILE A 114 -20.82 9.28 -9.96
C ILE A 114 -20.05 7.97 -9.84
N TRP A 115 -18.97 7.98 -9.07
CA TRP A 115 -18.19 6.78 -8.80
C TRP A 115 -17.86 6.74 -7.32
N THR A 116 -18.15 5.60 -6.69
CA THR A 116 -18.03 5.45 -5.24
C THR A 116 -16.92 4.46 -4.90
N SER A 117 -16.46 4.53 -3.66
CA SER A 117 -15.33 3.70 -3.22
C SER A 117 -15.39 3.52 -1.71
N TYR A 118 -14.94 2.35 -1.27
CA TYR A 118 -14.81 2.01 0.13
C TYR A 118 -13.33 1.85 0.44
N THR A 119 -12.86 2.60 1.43
CA THR A 119 -11.46 2.58 1.83
C THR A 119 -11.36 2.08 3.27
N GLU A 120 -10.41 1.17 3.52
CA GLU A 120 -10.17 0.73 4.88
C GLU A 120 -8.72 0.98 5.27
N TYR A 121 -8.53 1.38 6.52
CA TYR A 121 -7.23 1.71 7.08
C TYR A 121 -7.00 0.81 8.28
N VAL A 122 -5.99 -0.05 8.19
CA VAL A 122 -5.70 -1.05 9.20
C VAL A 122 -4.70 -0.50 10.18
N PHE A 123 -5.06 -0.52 11.46
CA PHE A 123 -4.20 -0.06 12.54
C PHE A 123 -3.81 -1.23 13.43
N CYS A 124 -2.61 -1.14 13.99
CA CYS A 124 -2.10 -2.21 14.83
C CYS A 124 -1.44 -1.62 16.05
N ARG A 125 -1.68 -2.23 17.20
CA ARG A 125 -0.90 -1.92 18.41
C ARG A 125 -0.15 -3.17 18.83
N GLU A 126 1.16 -3.01 18.96
CA GLU A 126 2.12 -4.05 19.33
C GLU A 126 1.98 -4.47 20.77
N SER B 5 24.51 -2.57 1.91
CA SER B 5 25.36 -3.72 1.64
C SER B 5 25.75 -3.80 0.17
N ARG B 6 26.87 -4.47 -0.14
CA ARG B 6 27.35 -4.47 -1.51
C ARG B 6 26.43 -5.25 -2.46
N ARG B 7 25.73 -6.27 -1.96
CA ARG B 7 24.83 -7.06 -2.78
C ARG B 7 23.36 -6.66 -2.60
N SER B 8 23.10 -5.37 -2.39
CA SER B 8 21.76 -4.87 -2.13
C SER B 8 20.99 -4.70 -3.45
N GLY B 9 19.67 -4.58 -3.34
CA GLY B 9 18.87 -4.38 -4.53
C GLY B 9 17.43 -4.84 -4.35
N TYR B 10 16.66 -4.68 -5.42
CA TYR B 10 15.25 -4.94 -5.46
C TYR B 10 14.93 -6.15 -6.34
N ILE B 11 13.95 -6.94 -5.91
CA ILE B 11 13.32 -7.97 -6.72
C ILE B 11 11.81 -7.81 -6.63
N THR B 12 11.15 -7.78 -7.77
CA THR B 12 9.69 -7.70 -7.83
C THR B 12 9.11 -9.04 -8.25
N ILE B 13 8.15 -9.53 -7.48
CA ILE B 13 7.44 -10.78 -7.74
C ILE B 13 6.05 -10.44 -8.26
N GLY B 14 5.65 -11.06 -9.36
CA GLY B 14 4.35 -10.78 -9.94
C GLY B 14 3.58 -12.04 -10.26
N TYR B 15 2.25 -11.89 -10.34
CA TYR B 15 1.47 -13.02 -10.88
C TYR B 15 0.13 -12.52 -11.38
N ARG B 16 -0.34 -13.17 -12.45
CA ARG B 16 -1.64 -12.88 -13.03
C ARG B 16 -2.67 -13.84 -12.44
N GLY B 17 -3.74 -13.30 -11.87
CA GLY B 17 -4.78 -14.08 -11.26
C GLY B 17 -6.10 -13.92 -11.99
N SER B 18 -7.07 -14.72 -11.57
CA SER B 18 -8.44 -14.64 -12.09
C SER B 18 -9.40 -15.07 -10.99
N TYR B 19 -10.57 -14.46 -10.98
CA TYR B 19 -11.54 -14.70 -9.92
C TYR B 19 -12.92 -14.95 -10.51
N ARG B 32 -7.72 -18.25 -4.74
CA ARG B 32 -6.53 -17.81 -5.44
C ARG B 32 -6.06 -18.82 -6.48
N ARG B 33 -5.89 -18.36 -7.71
CA ARG B 33 -5.43 -19.20 -8.82
C ARG B 33 -4.20 -18.55 -9.43
N VAL B 34 -3.03 -19.12 -9.16
CA VAL B 34 -1.75 -18.57 -9.62
C VAL B 34 -1.29 -19.37 -10.82
N ALA B 35 -1.28 -18.75 -11.99
CA ALA B 35 -0.80 -19.43 -13.20
C ALA B 35 0.72 -19.45 -13.26
N ARG B 36 1.37 -18.32 -12.98
CA ARG B 36 2.81 -18.20 -13.14
C ARG B 36 3.33 -17.03 -12.32
N ILE B 37 4.38 -17.28 -11.55
CA ILE B 37 5.02 -16.25 -10.73
C ILE B 37 6.19 -15.66 -11.50
N THR B 38 6.10 -14.39 -11.85
CA THR B 38 7.18 -13.72 -12.54
C THR B 38 8.16 -13.06 -11.56
N VAL B 39 9.39 -12.87 -12.03
CA VAL B 39 10.50 -12.38 -11.21
C VAL B 39 11.25 -11.34 -12.02
N CYS B 40 11.36 -10.14 -11.47
CA CYS B 40 12.02 -9.01 -12.14
C CYS B 40 13.10 -8.42 -11.24
N GLY B 41 14.20 -8.04 -11.86
CA GLY B 41 15.34 -7.50 -11.12
C GLY B 41 16.65 -7.85 -11.78
N LYS B 42 17.74 -7.45 -11.13
CA LYS B 42 19.08 -7.84 -11.57
C LYS B 42 19.23 -9.36 -11.51
N THR B 43 19.75 -9.95 -12.60
CA THR B 43 19.68 -11.42 -12.74
C THR B 43 20.47 -12.13 -11.65
N SER B 44 21.63 -11.61 -11.28
CA SER B 44 22.41 -12.31 -10.26
C SER B 44 21.71 -12.35 -8.91
N LEU B 45 20.96 -11.30 -8.55
CA LEU B 45 20.20 -11.34 -7.31
C LEU B 45 19.11 -12.39 -7.39
N ALA B 46 18.36 -12.39 -8.49
CA ALA B 46 17.32 -13.40 -8.68
C ALA B 46 17.92 -14.81 -8.60
N LYS B 47 19.09 -15.02 -9.20
CA LYS B 47 19.70 -16.36 -9.14
C LYS B 47 20.14 -16.70 -7.73
N GLU B 48 20.78 -15.76 -7.03
CA GLU B 48 21.14 -16.02 -5.64
C GLU B 48 19.94 -16.49 -4.85
N VAL B 49 18.79 -15.82 -5.03
CA VAL B 49 17.64 -16.08 -4.16
C VAL B 49 16.98 -17.41 -4.51
N PHE B 50 16.74 -17.64 -5.80
CA PHE B 50 15.87 -18.75 -6.21
C PHE B 50 16.61 -19.95 -6.76
N GLY B 51 17.90 -19.79 -7.11
CA GLY B 51 18.70 -20.91 -7.59
C GLY B 51 18.06 -21.70 -8.71
N ASP B 52 17.88 -23.00 -8.49
CA ASP B 52 17.40 -23.89 -9.55
C ASP B 52 15.88 -23.85 -9.71
N THR B 53 15.15 -23.15 -8.83
CA THR B 53 13.71 -22.99 -9.04
C THR B 53 13.37 -21.89 -10.02
N LEU B 54 14.38 -21.16 -10.53
CA LEU B 54 14.20 -20.08 -11.47
C LEU B 54 14.21 -20.58 -12.90
N ASN B 55 13.20 -20.21 -13.68
CA ASN B 55 13.12 -20.58 -15.10
C ASN B 55 13.55 -19.37 -15.91
N GLU B 56 14.74 -19.46 -16.50
CA GLU B 56 15.30 -18.39 -17.31
C GLU B 56 15.02 -18.56 -18.80
N SER B 57 14.10 -19.45 -19.18
CA SER B 57 13.94 -19.80 -20.59
C SER B 57 13.56 -18.61 -21.45
N ARG B 58 12.82 -17.64 -20.91
CA ARG B 58 12.44 -16.51 -21.74
C ARG B 58 13.51 -15.42 -21.77
N ASP B 59 14.63 -15.61 -21.09
CA ASP B 59 15.66 -14.60 -21.16
C ASP B 59 16.98 -15.27 -20.79
N PRO B 60 17.42 -16.27 -21.55
CA PRO B 60 18.49 -17.15 -21.07
C PRO B 60 19.87 -16.54 -21.19
N ASP B 61 20.80 -17.10 -20.41
CA ASP B 61 22.22 -16.78 -20.49
C ASP B 61 22.50 -15.27 -20.39
N ARG B 62 21.80 -14.59 -19.45
CA ARG B 62 22.06 -13.17 -19.27
C ARG B 62 23.27 -12.93 -18.38
N PRO B 63 24.02 -11.85 -18.61
CA PRO B 63 25.15 -11.54 -17.73
C PRO B 63 24.66 -11.20 -16.33
N PRO B 64 25.47 -11.47 -15.30
CA PRO B 64 24.98 -11.34 -13.92
C PRO B 64 24.58 -9.92 -13.54
N GLU B 65 25.14 -8.90 -14.17
CA GLU B 65 24.84 -7.52 -13.80
C GLU B 65 23.69 -6.92 -14.61
N ARG B 66 23.17 -7.64 -15.60
CA ARG B 66 22.07 -7.11 -16.39
C ARG B 66 20.72 -7.39 -15.70
N TYR B 67 19.74 -6.57 -16.05
CA TYR B 67 18.40 -6.67 -15.49
C TYR B 67 17.49 -7.46 -16.41
N THR B 68 16.51 -8.14 -15.82
CA THR B 68 15.50 -8.87 -16.57
C THR B 68 14.11 -8.51 -16.04
N SER B 69 13.14 -8.58 -16.94
CA SER B 69 11.74 -8.58 -16.54
C SER B 69 11.05 -9.87 -16.97
N ARG B 70 11.82 -10.93 -17.28
CA ARG B 70 11.21 -12.09 -17.89
C ARG B 70 11.55 -13.42 -17.23
N TYR B 71 12.09 -13.43 -16.02
CA TYR B 71 12.21 -14.69 -15.29
C TYR B 71 10.86 -15.10 -14.71
N TYR B 72 10.71 -16.40 -14.48
CA TYR B 72 9.61 -16.92 -13.68
C TYR B 72 10.10 -18.13 -12.91
N LEU B 73 9.23 -18.64 -12.06
CA LEU B 73 9.54 -19.65 -11.07
C LEU B 73 8.87 -20.97 -11.45
N LYS B 74 9.50 -22.06 -11.04
CA LYS B 74 8.97 -23.38 -11.35
C LYS B 74 7.97 -23.89 -10.34
N PHE B 75 7.64 -23.08 -9.33
CA PHE B 75 6.57 -23.43 -8.41
C PHE B 75 5.52 -22.33 -8.44
N ASN B 76 4.35 -22.62 -7.86
CA ASN B 76 3.21 -21.71 -8.00
C ASN B 76 2.66 -21.22 -6.67
N PHE B 77 3.30 -21.51 -5.55
CA PHE B 77 2.89 -20.95 -4.27
C PHE B 77 3.62 -19.62 -4.05
N LEU B 78 2.86 -18.52 -4.03
CA LEU B 78 3.43 -17.19 -3.80
C LEU B 78 4.23 -17.15 -2.50
N GLU B 79 3.67 -17.70 -1.41
CA GLU B 79 4.35 -17.62 -0.13
C GLU B 79 5.65 -18.41 -0.14
N GLN B 80 5.77 -19.42 -0.99
CA GLN B 80 7.05 -20.11 -1.09
C GLN B 80 8.11 -19.20 -1.69
N ALA B 81 7.74 -18.38 -2.68
CA ALA B 81 8.65 -17.37 -3.18
C ALA B 81 8.99 -16.33 -2.12
N PHE B 82 7.98 -15.87 -1.35
CA PHE B 82 8.24 -14.92 -0.28
C PHE B 82 9.21 -15.50 0.74
N ASP B 83 9.00 -16.77 1.12
CA ASP B 83 9.87 -17.42 2.11
C ASP B 83 11.32 -17.48 1.63
N LYS B 84 11.53 -17.77 0.34
CA LYS B 84 12.90 -17.83 -0.19
C LYS B 84 13.55 -16.44 -0.18
N LEU B 85 12.77 -15.40 -0.49
CA LEU B 85 13.28 -14.05 -0.40
C LEU B 85 13.70 -13.72 1.03
N SER B 86 12.87 -14.07 2.00
CA SER B 86 13.21 -13.84 3.40
C SER B 86 14.51 -14.56 3.77
N GLU B 87 14.67 -15.80 3.33
CA GLU B 87 15.90 -16.54 3.64
C GLU B 87 17.15 -15.83 3.14
N SER B 88 17.05 -15.08 2.04
CA SER B 88 18.19 -14.33 1.54
C SER B 88 18.25 -12.90 2.06
N GLY B 89 17.37 -12.52 2.99
CA GLY B 89 17.45 -11.20 3.59
C GLY B 89 16.72 -10.12 2.82
N PHE B 90 15.80 -10.47 1.92
CA PHE B 90 14.95 -9.50 1.24
C PHE B 90 13.65 -9.32 2.03
N HIS B 91 13.12 -8.09 2.03
CA HIS B 91 11.89 -7.77 2.77
C HIS B 91 10.88 -7.13 1.83
N MET B 92 9.60 -7.39 2.08
CA MET B 92 8.56 -6.81 1.24
C MET B 92 8.34 -5.37 1.62
N VAL B 93 8.48 -4.46 0.66
CA VAL B 93 8.34 -3.04 0.94
C VAL B 93 7.15 -2.41 0.26
N ALA B 94 6.52 -3.08 -0.70
CA ALA B 94 5.35 -2.49 -1.34
C ALA B 94 4.60 -3.57 -2.08
N CYS B 95 3.33 -3.28 -2.37
CA CYS B 95 2.45 -4.20 -3.06
C CYS B 95 1.47 -3.39 -3.88
N SER B 96 1.17 -3.83 -5.10
CA SER B 96 0.14 -3.17 -5.89
C SER B 96 -0.59 -4.19 -6.76
N SER B 97 -1.81 -3.84 -7.13
CA SER B 97 -2.62 -4.75 -7.92
C SER B 97 -3.44 -3.93 -8.91
N THR B 98 -3.61 -4.48 -10.11
CA THR B 98 -4.43 -3.88 -11.15
C THR B 98 -5.51 -4.88 -11.54
N GLY B 99 -6.77 -4.45 -11.44
CA GLY B 99 -7.88 -5.26 -11.88
C GLY B 99 -8.40 -4.80 -13.23
N THR B 100 -9.32 -5.59 -13.76
CA THR B 100 -9.97 -5.26 -15.03
C THR B 100 -11.47 -5.14 -14.85
N LYS B 113 -17.66 -13.41 -16.82
CA LYS B 113 -17.84 -14.11 -15.56
C LYS B 113 -16.52 -14.26 -14.82
N ILE B 114 -15.42 -13.94 -15.51
CA ILE B 114 -14.07 -14.04 -14.95
C ILE B 114 -13.32 -12.77 -15.27
N TRP B 115 -12.74 -12.14 -14.25
CA TRP B 115 -11.90 -10.96 -14.43
C TRP B 115 -10.49 -11.28 -13.96
N THR B 116 -9.50 -10.86 -14.75
CA THR B 116 -8.11 -11.13 -14.46
C THR B 116 -7.49 -9.95 -13.72
N SER B 117 -6.36 -10.22 -13.07
CA SER B 117 -5.65 -9.20 -12.32
C SER B 117 -4.16 -9.50 -12.35
N TYR B 118 -3.37 -8.45 -12.16
CA TYR B 118 -1.93 -8.57 -11.98
C TYR B 118 -1.57 -7.96 -10.64
N THR B 119 -0.90 -8.74 -9.79
CA THR B 119 -0.43 -8.26 -8.50
C THR B 119 1.08 -8.35 -8.46
N GLU B 120 1.73 -7.31 -7.95
CA GLU B 120 3.18 -7.37 -7.78
C GLU B 120 3.55 -7.03 -6.35
N TYR B 121 4.58 -7.70 -5.87
CA TYR B 121 5.11 -7.55 -4.53
C TYR B 121 6.55 -7.14 -4.69
N VAL B 122 6.89 -5.96 -4.19
CA VAL B 122 8.23 -5.41 -4.34
C VAL B 122 9.05 -5.77 -3.12
N PHE B 123 10.18 -6.44 -3.33
CA PHE B 123 11.12 -6.77 -2.26
C PHE B 123 12.42 -5.99 -2.41
N CYS B 124 13.03 -5.73 -1.27
CA CYS B 124 14.26 -4.95 -1.18
C CYS B 124 15.20 -5.63 -0.20
N ARG B 125 16.46 -5.77 -0.56
CA ARG B 125 17.51 -6.10 0.41
C ARG B 125 18.42 -4.89 0.51
N GLU B 126 18.60 -4.38 1.72
CA GLU B 126 19.34 -3.12 1.83
C GLU B 126 20.82 -3.41 2.00
N ARG C 6 23.41 15.21 3.28
CA ARG C 6 22.61 15.01 2.07
C ARG C 6 21.18 15.43 2.34
N ARG C 7 20.57 16.17 1.41
CA ARG C 7 19.28 16.79 1.69
C ARG C 7 18.12 15.84 1.46
N SER C 8 17.15 15.91 2.36
CA SER C 8 16.00 15.04 2.33
C SER C 8 15.06 15.40 1.18
N GLY C 9 14.27 14.42 0.76
CA GLY C 9 13.21 14.72 -0.18
C GLY C 9 12.56 13.45 -0.70
N TYR C 10 11.53 13.67 -1.51
CA TYR C 10 10.77 12.61 -2.12
C TYR C 10 11.07 12.55 -3.62
N ILE C 11 11.15 11.33 -4.14
CA ILE C 11 11.16 11.10 -5.58
C ILE C 11 10.09 10.06 -5.88
N THR C 12 9.22 10.36 -6.83
CA THR C 12 8.19 9.43 -7.29
C THR C 12 8.58 8.90 -8.66
N ILE C 13 8.44 7.59 -8.83
CA ILE C 13 8.78 6.87 -10.05
C ILE C 13 7.48 6.38 -10.66
N GLY C 14 7.24 6.74 -11.92
CA GLY C 14 6.00 6.40 -12.61
C GLY C 14 6.27 5.39 -13.71
N TYR C 15 5.31 4.49 -13.91
CA TYR C 15 5.48 3.39 -14.86
C TYR C 15 4.15 3.14 -15.55
N ARG C 16 4.10 3.42 -16.85
CA ARG C 16 2.92 3.11 -17.67
C ARG C 16 3.00 1.66 -18.10
N GLY C 17 2.10 0.82 -17.59
CA GLY C 17 2.17 -0.59 -17.88
C GLY C 17 1.09 -1.05 -18.83
N SER C 18 1.26 -2.22 -19.45
CA SER C 18 0.25 -2.76 -20.33
C SER C 18 0.14 -4.26 -20.12
N TYR C 19 -1.09 -4.76 -20.16
CA TYR C 19 -1.36 -6.18 -19.92
C TYR C 19 -2.42 -6.68 -20.87
N LYS C 30 1.90 -11.95 -19.37
CA LYS C 30 2.38 -12.19 -18.01
C LYS C 30 3.52 -11.24 -17.66
N PHE C 31 4.42 -11.02 -18.61
CA PHE C 31 5.56 -10.14 -18.37
C PHE C 31 5.12 -8.68 -18.23
N ARG C 32 6.07 -7.83 -17.85
CA ARG C 32 5.83 -6.41 -17.73
C ARG C 32 6.08 -5.72 -19.07
N ARG C 33 5.18 -4.80 -19.41
CA ARG C 33 5.28 -4.07 -20.68
C ARG C 33 6.38 -3.02 -20.59
N VAL C 34 7.38 -3.14 -21.47
CA VAL C 34 8.49 -2.19 -21.50
C VAL C 34 7.97 -0.83 -21.96
N ALA C 35 8.18 0.19 -21.13
CA ALA C 35 7.61 1.51 -21.41
C ALA C 35 8.52 2.58 -20.83
N ARG C 36 7.98 3.78 -20.67
CA ARG C 36 8.70 4.93 -20.14
C ARG C 36 8.66 4.94 -18.61
N ILE C 37 9.80 5.18 -17.99
CA ILE C 37 9.88 5.37 -16.54
C ILE C 37 10.02 6.86 -16.27
N THR C 38 9.00 7.45 -15.68
CA THR C 38 9.01 8.87 -15.36
C THR C 38 9.52 9.11 -13.94
N VAL C 39 10.07 10.30 -13.73
CA VAL C 39 10.67 10.69 -12.44
C VAL C 39 10.10 12.06 -12.06
N CYS C 40 9.55 12.15 -10.83
CA CYS C 40 8.99 13.41 -10.32
C CYS C 40 9.64 13.78 -8.99
N GLY C 41 9.94 15.06 -8.83
CA GLY C 41 10.52 15.58 -7.60
C GLY C 41 11.39 16.79 -7.88
N LYS C 42 12.07 17.25 -6.84
CA LYS C 42 13.00 18.36 -6.96
C LYS C 42 14.16 17.98 -7.87
N THR C 43 14.46 18.81 -8.88
CA THR C 43 15.32 18.35 -9.96
C THR C 43 16.73 18.03 -9.47
N SER C 44 17.24 18.80 -8.51
CA SER C 44 18.57 18.48 -8.01
C SER C 44 18.63 17.10 -7.37
N LEU C 45 17.53 16.64 -6.77
CA LEU C 45 17.54 15.29 -6.17
C LEU C 45 17.56 14.22 -7.26
N ALA C 46 16.68 14.38 -8.26
CA ALA C 46 16.64 13.44 -9.38
C ALA C 46 18.00 13.35 -10.07
N LYS C 47 18.67 14.49 -10.23
CA LYS C 47 19.97 14.49 -10.89
C LYS C 47 21.04 13.83 -10.04
N GLU C 48 21.02 14.09 -8.73
CA GLU C 48 21.92 13.36 -7.83
C GLU C 48 21.74 11.86 -7.99
N VAL C 49 20.49 11.39 -8.00
CA VAL C 49 20.20 9.96 -7.95
C VAL C 49 20.60 9.28 -9.25
N PHE C 50 20.20 9.85 -10.39
CA PHE C 50 20.27 9.14 -11.66
C PHE C 50 21.36 9.60 -12.60
N GLY C 51 21.87 10.82 -12.44
CA GLY C 51 23.03 11.24 -13.23
C GLY C 51 22.69 11.33 -14.70
N ASP C 52 23.52 10.69 -15.54
CA ASP C 52 23.32 10.78 -16.98
C ASP C 52 22.34 9.77 -17.52
N THR C 53 21.71 8.96 -16.66
CA THR C 53 20.58 8.16 -17.13
C THR C 53 19.29 8.94 -17.08
N LEU C 54 19.33 10.16 -16.54
CA LEU C 54 18.16 11.03 -16.50
C LEU C 54 18.02 11.77 -17.81
N ASN C 55 16.82 11.79 -18.36
CA ASN C 55 16.52 12.48 -19.61
C ASN C 55 15.68 13.70 -19.27
N GLU C 56 16.26 14.89 -19.43
CA GLU C 56 15.57 16.14 -19.11
C GLU C 56 14.97 16.80 -20.35
N SER C 57 14.92 16.11 -21.50
CA SER C 57 14.60 16.79 -22.75
C SER C 57 13.21 17.40 -22.73
N ARG C 58 12.30 16.86 -21.94
CA ARG C 58 10.95 17.41 -21.85
C ARG C 58 10.81 18.47 -20.75
N ASP C 59 11.88 18.80 -20.03
CA ASP C 59 11.83 19.87 -19.02
C ASP C 59 13.26 20.38 -18.80
N PRO C 60 13.90 20.96 -19.82
CA PRO C 60 15.33 21.21 -19.75
C PRO C 60 15.66 22.51 -19.01
N ASP C 61 16.94 22.64 -18.67
CA ASP C 61 17.49 23.86 -18.09
C ASP C 61 16.73 24.28 -16.83
N ARG C 62 16.29 23.30 -16.01
CA ARG C 62 15.61 23.71 -14.78
C ARG C 62 16.64 24.05 -13.70
N PRO C 63 16.37 25.07 -12.89
CA PRO C 63 17.27 25.36 -11.76
C PRO C 63 17.21 24.23 -10.73
N PRO C 64 18.27 24.06 -9.95
CA PRO C 64 18.36 22.89 -9.06
C PRO C 64 17.21 22.76 -8.05
N GLU C 65 16.64 23.85 -7.58
CA GLU C 65 15.66 23.78 -6.50
C GLU C 65 14.21 23.79 -6.99
N ARG C 66 13.99 23.82 -8.30
CA ARG C 66 12.64 23.71 -8.82
C ARG C 66 12.23 22.24 -8.93
N TYR C 67 10.92 22.02 -8.94
CA TYR C 67 10.32 20.70 -9.05
C TYR C 67 9.93 20.39 -10.49
N THR C 68 9.90 19.11 -10.82
CA THR C 68 9.47 18.66 -12.12
C THR C 68 8.55 17.46 -11.99
N SER C 69 7.73 17.25 -13.01
CA SER C 69 7.03 15.98 -13.13
C SER C 69 7.18 15.44 -14.55
N ARG C 70 8.26 15.82 -15.25
CA ARG C 70 8.42 15.45 -16.65
C ARG C 70 9.82 14.92 -16.96
N TYR C 71 10.57 14.48 -15.96
CA TYR C 71 11.82 13.77 -16.23
C TYR C 71 11.52 12.31 -16.56
N TYR C 72 12.44 11.66 -17.25
CA TYR C 72 12.35 10.21 -17.43
C TYR C 72 13.74 9.62 -17.59
N LEU C 73 13.80 8.29 -17.55
CA LEU C 73 15.05 7.56 -17.50
C LEU C 73 15.36 6.91 -18.85
N LYS C 74 16.64 6.78 -19.16
CA LYS C 74 17.09 6.26 -20.44
C LYS C 74 17.15 4.73 -20.48
N PHE C 75 16.88 4.04 -19.38
CA PHE C 75 16.73 2.58 -19.35
C PHE C 75 15.29 2.24 -19.02
N ASN C 76 14.93 0.97 -19.16
CA ASN C 76 13.52 0.61 -19.03
C ASN C 76 13.22 -0.38 -17.93
N PHE C 77 14.22 -0.84 -17.18
CA PHE C 77 13.99 -1.77 -16.08
C PHE C 77 13.68 -0.99 -14.81
N LEU C 78 12.48 -1.22 -14.26
CA LEU C 78 12.04 -0.51 -13.08
C LEU C 78 12.95 -0.76 -11.89
N GLU C 79 13.41 -2.03 -11.74
CA GLU C 79 14.26 -2.36 -10.60
C GLU C 79 15.63 -1.72 -10.70
N GLN C 80 16.07 -1.41 -11.93
CA GLN C 80 17.31 -0.64 -12.08
C GLN C 80 17.17 0.74 -11.49
N ALA C 81 16.00 1.37 -11.68
CA ALA C 81 15.73 2.65 -11.04
C ALA C 81 15.62 2.52 -9.52
N PHE C 82 14.92 1.48 -9.03
CA PHE C 82 14.85 1.25 -7.59
C PHE C 82 16.23 1.08 -6.99
N ASP C 83 17.12 0.37 -7.71
CA ASP C 83 18.47 0.12 -7.18
C ASP C 83 19.28 1.41 -7.09
N LYS C 84 19.18 2.28 -8.11
CA LYS C 84 19.89 3.56 -8.06
C LYS C 84 19.38 4.43 -6.91
N LEU C 85 18.07 4.46 -6.69
CA LEU C 85 17.52 5.19 -5.54
C LEU C 85 18.09 4.66 -4.23
N SER C 86 18.14 3.33 -4.08
CA SER C 86 18.75 2.72 -2.90
C SER C 86 20.21 3.15 -2.74
N GLU C 87 20.98 3.20 -3.83
CA GLU C 87 22.38 3.60 -3.73
C GLU C 87 22.53 5.03 -3.18
N SER C 88 21.57 5.91 -3.47
CA SER C 88 21.58 7.25 -2.92
C SER C 88 20.81 7.37 -1.61
N GLY C 89 20.40 6.25 -0.99
CA GLY C 89 19.77 6.34 0.32
C GLY C 89 18.28 6.63 0.33
N PHE C 90 17.59 6.45 -0.79
CA PHE C 90 16.14 6.63 -0.86
C PHE C 90 15.47 5.28 -0.61
N HIS C 91 14.30 5.31 0.02
CA HIS C 91 13.57 4.08 0.33
C HIS C 91 12.13 4.20 -0.14
N MET C 92 11.56 3.06 -0.53
CA MET C 92 10.18 3.04 -1.02
C MET C 92 9.23 3.10 0.17
N VAL C 93 8.39 4.12 0.20
CA VAL C 93 7.47 4.32 1.30
C VAL C 93 6.01 4.12 0.91
N ALA C 94 5.68 4.15 -0.39
CA ALA C 94 4.31 3.89 -0.79
C ALA C 94 4.29 3.50 -2.27
N CYS C 95 3.18 2.90 -2.67
CA CYS C 95 2.95 2.72 -4.09
C CYS C 95 1.45 2.57 -4.34
N SER C 96 1.05 2.84 -5.58
CA SER C 96 -0.35 2.73 -5.97
C SER C 96 -0.40 2.61 -7.48
N SER C 97 -1.46 1.97 -7.96
CA SER C 97 -1.66 1.80 -9.40
C SER C 97 -3.10 2.14 -9.75
N THR C 98 -3.30 2.54 -11.00
CA THR C 98 -4.64 2.82 -11.53
C THR C 98 -4.90 1.92 -12.72
N GLY C 99 -5.98 1.16 -12.65
CA GLY C 99 -6.37 0.28 -13.74
C GLY C 99 -7.26 0.98 -14.76
N THR C 100 -6.80 1.02 -16.01
CA THR C 100 -7.55 1.62 -17.10
C THR C 100 -7.96 0.51 -18.07
N CYS C 101 -9.24 0.15 -18.04
CA CYS C 101 -9.76 -0.96 -18.84
C CYS C 101 -10.20 -0.47 -20.22
N ALA C 102 -9.68 -1.10 -21.27
CA ALA C 102 -10.03 -0.76 -22.63
C ALA C 102 -9.93 -1.98 -23.54
N ILE C 114 -5.57 -4.59 -25.52
CA ILE C 114 -4.95 -4.98 -24.25
C ILE C 114 -5.54 -4.17 -23.11
N TRP C 115 -4.80 -4.08 -22.02
CA TRP C 115 -5.21 -3.31 -20.85
C TRP C 115 -4.00 -2.60 -20.28
N THR C 116 -4.12 -1.29 -20.07
CA THR C 116 -3.01 -0.48 -19.59
C THR C 116 -3.27 -0.04 -18.15
N SER C 117 -2.19 0.03 -17.37
CA SER C 117 -2.25 0.56 -16.02
C SER C 117 -1.09 1.53 -15.83
N TYR C 118 -1.26 2.41 -14.86
CA TYR C 118 -0.20 3.32 -14.45
C TYR C 118 0.06 3.11 -12.96
N THR C 119 1.32 2.87 -12.62
CA THR C 119 1.73 2.61 -11.25
C THR C 119 2.77 3.66 -10.86
N GLU C 120 2.70 4.13 -9.61
CA GLU C 120 3.72 5.03 -9.12
C GLU C 120 4.27 4.50 -7.81
N TYR C 121 5.57 4.70 -7.62
CA TYR C 121 6.31 4.23 -6.45
C TYR C 121 6.93 5.46 -5.80
N VAL C 122 6.52 5.75 -4.57
CA VAL C 122 6.99 6.94 -3.86
C VAL C 122 8.22 6.56 -3.06
N PHE C 123 9.31 7.28 -3.27
CA PHE C 123 10.55 7.11 -2.54
C PHE C 123 10.83 8.33 -1.68
N CYS C 124 11.55 8.11 -0.57
CA CYS C 124 11.80 9.15 0.42
C CYS C 124 13.21 8.96 0.94
N ARG C 125 13.98 10.04 1.03
CA ARG C 125 15.23 10.04 1.76
C ARG C 125 15.06 11.02 2.92
N GLU C 126 15.20 10.53 4.15
CA GLU C 126 14.87 11.42 5.27
C GLU C 126 16.09 12.25 5.64
N SER D 5 4.07 12.59 20.89
CA SER D 5 4.40 13.99 21.14
C SER D 5 3.12 14.84 21.25
N ARG D 6 3.24 16.05 21.82
CA ARG D 6 2.06 16.87 22.07
C ARG D 6 1.33 17.26 20.78
N ARG D 7 2.09 17.62 19.75
CA ARG D 7 1.52 18.02 18.45
C ARG D 7 1.63 16.90 17.42
N SER D 8 1.37 15.67 17.83
CA SER D 8 1.30 14.54 16.93
C SER D 8 -0.03 14.54 16.19
N GLY D 9 -0.06 13.88 15.04
CA GLY D 9 -1.31 13.75 14.32
C GLY D 9 -1.11 13.35 12.87
N TYR D 10 -2.24 13.33 12.16
CA TYR D 10 -2.31 12.85 10.79
C TYR D 10 -2.68 13.99 9.85
N ILE D 11 -2.02 14.02 8.68
CA ILE D 11 -2.42 14.89 7.57
C ILE D 11 -2.52 14.02 6.33
N THR D 12 -3.64 14.12 5.62
CA THR D 12 -3.85 13.36 4.39
C THR D 12 -3.81 14.33 3.22
N ILE D 13 -3.01 13.98 2.21
CA ILE D 13 -2.82 14.78 1.00
C ILE D 13 -3.52 14.04 -0.13
N GLY D 14 -4.32 14.77 -0.90
CA GLY D 14 -5.05 14.17 -2.01
C GLY D 14 -4.88 14.97 -3.28
N TYR D 15 -4.95 14.26 -4.41
CA TYR D 15 -5.03 14.93 -5.70
C TYR D 15 -5.96 14.14 -6.61
N ARG D 16 -6.81 14.87 -7.33
CA ARG D 16 -7.67 14.28 -8.35
C ARG D 16 -6.91 14.26 -9.68
N GLY D 17 -6.71 13.07 -10.23
CA GLY D 17 -5.93 12.90 -11.44
C GLY D 17 -6.76 12.29 -12.56
N SER D 18 -6.19 12.35 -13.76
CA SER D 18 -6.86 11.81 -14.95
C SER D 18 -5.88 11.08 -15.86
N LYS D 30 6.44 12.84 -18.26
CA LYS D 30 5.61 13.99 -18.58
C LYS D 30 4.13 13.72 -18.28
N PHE D 31 3.81 12.46 -17.99
CA PHE D 31 2.41 12.02 -17.97
C PHE D 31 1.60 12.73 -16.88
N ARG D 32 2.09 12.70 -15.65
CA ARG D 32 1.25 13.11 -14.52
C ARG D 32 0.85 14.57 -14.60
N ARG D 33 -0.45 14.81 -14.47
CA ARG D 33 -1.01 16.16 -14.41
C ARG D 33 -1.79 16.27 -13.11
N VAL D 34 -1.37 17.18 -12.24
CA VAL D 34 -2.01 17.39 -10.94
C VAL D 34 -2.52 18.83 -10.91
N ALA D 35 -3.84 18.98 -10.72
CA ALA D 35 -4.43 20.32 -10.66
C ALA D 35 -4.45 20.86 -9.23
N ARG D 36 -5.15 20.16 -8.34
CA ARG D 36 -5.37 20.66 -6.98
C ARG D 36 -4.94 19.60 -5.97
N ILE D 37 -4.24 20.05 -4.94
CA ILE D 37 -3.75 19.18 -3.88
C ILE D 37 -4.56 19.49 -2.63
N THR D 38 -5.43 18.56 -2.23
CA THR D 38 -6.28 18.76 -1.06
C THR D 38 -5.53 18.38 0.23
N VAL D 39 -5.92 19.01 1.33
CA VAL D 39 -5.30 18.79 2.64
C VAL D 39 -6.39 18.53 3.67
N CYS D 40 -6.29 17.39 4.37
CA CYS D 40 -7.26 17.01 5.39
C CYS D 40 -6.54 16.72 6.71
N GLY D 41 -7.13 17.21 7.81
CA GLY D 41 -6.58 16.99 9.13
C GLY D 41 -6.91 18.15 10.04
N LYS D 42 -6.28 18.13 11.22
CA LYS D 42 -6.42 19.21 12.18
C LYS D 42 -5.83 20.50 11.61
N THR D 43 -6.59 21.59 11.72
CA THR D 43 -6.20 22.80 11.01
C THR D 43 -4.89 23.38 11.54
N SER D 44 -4.68 23.33 12.86
CA SER D 44 -3.40 23.78 13.39
C SER D 44 -2.23 23.05 12.76
N LEU D 45 -2.36 21.74 12.51
CA LEU D 45 -1.25 20.99 11.94
C LEU D 45 -1.00 21.41 10.49
N ALA D 46 -2.07 21.47 9.68
CA ALA D 46 -1.95 21.90 8.29
C ALA D 46 -1.31 23.27 8.18
N LYS D 47 -1.70 24.20 9.05
CA LYS D 47 -1.12 25.54 9.03
C LYS D 47 0.35 25.50 9.41
N GLU D 48 0.68 24.76 10.48
CA GLU D 48 2.09 24.66 10.86
C GLU D 48 2.94 24.10 9.72
N VAL D 49 2.43 23.10 9.01
CA VAL D 49 3.22 22.48 7.95
C VAL D 49 3.34 23.41 6.74
N PHE D 50 2.23 24.01 6.32
CA PHE D 50 2.18 24.64 5.01
C PHE D 50 2.18 26.15 5.04
N GLY D 51 1.87 26.78 6.17
CA GLY D 51 2.03 28.22 6.29
C GLY D 51 1.26 28.96 5.21
N ASP D 52 1.96 29.83 4.48
CA ASP D 52 1.29 30.66 3.49
C ASP D 52 0.98 29.90 2.20
N THR D 53 1.58 28.74 1.98
CA THR D 53 1.24 27.95 0.79
C THR D 53 -0.16 27.35 0.89
N LEU D 54 -0.80 27.50 2.04
CA LEU D 54 -2.07 26.85 2.31
C LEU D 54 -3.22 27.77 1.93
N ASN D 55 -4.28 27.18 1.41
CA ASN D 55 -5.47 27.93 1.01
C ASN D 55 -6.61 27.49 1.93
N GLU D 56 -6.95 28.36 2.88
CA GLU D 56 -7.98 28.11 3.87
C GLU D 56 -9.30 28.83 3.53
N SER D 57 -9.43 29.31 2.29
CA SER D 57 -10.60 30.08 1.91
C SER D 57 -11.87 29.23 1.91
N ARG D 58 -11.77 27.98 1.44
CA ARG D 58 -12.94 27.12 1.39
C ARG D 58 -13.49 26.81 2.78
N ASP D 59 -12.67 26.95 3.82
CA ASP D 59 -13.08 26.62 5.19
C ASP D 59 -12.41 27.58 6.15
N PRO D 60 -12.78 28.86 6.11
CA PRO D 60 -12.06 29.88 6.87
C PRO D 60 -12.63 30.05 8.28
N ASP D 61 -11.91 30.85 9.06
CA ASP D 61 -12.31 31.21 10.42
C ASP D 61 -12.47 29.96 11.29
N ARG D 62 -11.47 29.09 11.22
CA ARG D 62 -11.55 27.82 11.94
C ARG D 62 -10.54 27.76 13.08
N PRO D 63 -10.95 27.28 14.25
CA PRO D 63 -10.02 27.21 15.38
C PRO D 63 -9.01 26.10 15.18
N PRO D 64 -7.81 26.25 15.75
CA PRO D 64 -6.75 25.25 15.45
C PRO D 64 -7.09 23.83 15.84
N GLU D 65 -7.82 23.62 16.94
CA GLU D 65 -8.14 22.27 17.40
C GLU D 65 -9.25 21.61 16.58
N ARG D 66 -9.86 22.32 15.64
CA ARG D 66 -10.86 21.72 14.78
C ARG D 66 -10.20 21.07 13.56
N TYR D 67 -10.98 20.22 12.89
CA TYR D 67 -10.54 19.45 11.75
C TYR D 67 -11.17 19.99 10.48
N THR D 68 -10.50 19.74 9.37
CA THR D 68 -11.00 20.16 8.07
C THR D 68 -10.69 19.10 7.02
N SER D 69 -11.54 19.08 5.99
CA SER D 69 -11.29 18.32 4.78
C SER D 69 -11.35 19.22 3.54
N ARG D 70 -11.20 20.53 3.72
CA ARG D 70 -11.42 21.49 2.65
C ARG D 70 -10.26 22.45 2.42
N TYR D 71 -9.11 22.25 3.06
CA TYR D 71 -7.96 23.05 2.68
C TYR D 71 -7.36 22.51 1.38
N TYR D 72 -6.53 23.35 0.74
CA TYR D 72 -5.77 22.91 -0.42
C TYR D 72 -4.58 23.84 -0.60
N LEU D 73 -3.68 23.45 -1.49
CA LEU D 73 -2.37 24.09 -1.61
C LEU D 73 -2.27 24.95 -2.86
N LYS D 74 -1.48 26.03 -2.75
CA LYS D 74 -1.30 26.98 -3.84
C LYS D 74 -0.34 26.49 -4.92
N PHE D 75 0.42 25.42 -4.67
CA PHE D 75 1.32 24.91 -5.69
C PHE D 75 0.81 23.58 -6.23
N ASN D 76 1.49 23.07 -7.25
CA ASN D 76 0.98 21.96 -8.03
C ASN D 76 1.84 20.70 -7.97
N PHE D 77 3.03 20.76 -7.38
CA PHE D 77 3.93 19.61 -7.39
C PHE D 77 3.70 18.81 -6.11
N LEU D 78 3.16 17.60 -6.28
CA LEU D 78 2.93 16.71 -5.16
C LEU D 78 4.18 16.54 -4.29
N GLU D 79 5.35 16.37 -4.91
CA GLU D 79 6.56 16.12 -4.12
C GLU D 79 6.96 17.36 -3.32
N GLN D 80 6.57 18.55 -3.77
CA GLN D 80 6.81 19.73 -2.95
C GLN D 80 5.96 19.69 -1.69
N ALA D 81 4.73 19.19 -1.79
CA ALA D 81 3.92 19.01 -0.59
C ALA D 81 4.52 17.95 0.32
N PHE D 82 4.97 16.82 -0.25
CA PHE D 82 5.63 15.78 0.53
C PHE D 82 6.87 16.31 1.23
N ASP D 83 7.68 17.11 0.52
CA ASP D 83 8.91 17.62 1.11
C ASP D 83 8.64 18.53 2.29
N LYS D 84 7.57 19.33 2.22
CA LYS D 84 7.24 20.21 3.34
C LYS D 84 6.77 19.40 4.54
N LEU D 85 5.98 18.35 4.31
CA LEU D 85 5.58 17.46 5.39
C LEU D 85 6.80 16.86 6.09
N SER D 86 7.73 16.31 5.31
CA SER D 86 9.00 15.83 5.86
C SER D 86 9.69 16.90 6.71
N GLU D 87 9.71 18.15 6.23
CA GLU D 87 10.41 19.21 6.97
C GLU D 87 9.81 19.43 8.36
N SER D 88 8.53 19.16 8.55
CA SER D 88 7.88 19.26 9.85
C SER D 88 7.84 17.94 10.60
N GLY D 89 8.51 16.90 10.12
CA GLY D 89 8.56 15.64 10.83
C GLY D 89 7.39 14.71 10.60
N PHE D 90 6.61 14.93 9.55
CA PHE D 90 5.56 14.01 9.12
C PHE D 90 6.14 12.98 8.15
N HIS D 91 5.67 11.74 8.22
CA HIS D 91 6.13 10.65 7.36
C HIS D 91 4.94 10.02 6.68
N MET D 92 5.16 9.56 5.45
CA MET D 92 4.09 8.90 4.71
C MET D 92 3.91 7.48 5.21
N VAL D 93 2.70 7.14 5.67
CA VAL D 93 2.47 5.82 6.23
C VAL D 93 1.54 4.97 5.39
N ALA D 94 0.83 5.55 4.42
CA ALA D 94 -0.08 4.74 3.61
C ALA D 94 -0.48 5.54 2.37
N CYS D 95 -1.00 4.81 1.40
CA CYS D 95 -1.33 5.36 0.10
C CYS D 95 -2.47 4.53 -0.49
N SER D 96 -3.45 5.21 -1.07
CA SER D 96 -4.52 4.48 -1.75
C SER D 96 -4.95 5.30 -2.94
N SER D 97 -5.44 4.61 -3.96
CA SER D 97 -5.97 5.26 -5.15
C SER D 97 -7.21 4.52 -5.63
N THR D 98 -8.14 5.27 -6.19
CA THR D 98 -9.31 4.72 -6.86
C THR D 98 -9.62 5.59 -8.07
N GLY D 99 -10.17 4.98 -9.11
CA GLY D 99 -10.43 5.74 -10.32
C GLY D 99 -11.28 4.97 -11.30
N THR D 100 -11.74 5.69 -12.31
CA THR D 100 -12.51 5.12 -13.41
C THR D 100 -12.12 5.76 -14.73
N THR D 116 -10.56 9.22 -14.89
CA THR D 116 -9.97 10.05 -13.85
C THR D 116 -9.77 9.24 -12.57
N SER D 117 -8.93 9.73 -11.66
CA SER D 117 -8.59 8.99 -10.45
C SER D 117 -8.43 9.94 -9.27
N TYR D 118 -8.58 9.38 -8.07
CA TYR D 118 -8.30 10.11 -6.84
C TYR D 118 -7.30 9.30 -6.01
N THR D 119 -6.18 9.92 -5.66
CA THR D 119 -5.15 9.27 -4.87
C THR D 119 -4.93 10.05 -3.59
N GLU D 120 -4.78 9.35 -2.47
CA GLU D 120 -4.46 10.04 -1.22
C GLU D 120 -3.23 9.44 -0.59
N TYR D 121 -2.48 10.29 0.10
CA TYR D 121 -1.26 9.91 0.79
C TYR D 121 -1.42 10.30 2.26
N VAL D 122 -1.39 9.32 3.13
CA VAL D 122 -1.60 9.55 4.55
C VAL D 122 -0.24 9.80 5.21
N PHE D 123 -0.10 10.95 5.84
CA PHE D 123 1.08 11.30 6.61
C PHE D 123 0.76 11.32 8.09
N CYS D 124 1.78 11.03 8.90
CA CYS D 124 1.64 10.92 10.34
C CYS D 124 2.90 11.49 10.97
N ARG D 125 2.74 12.32 11.99
CA ARG D 125 3.83 12.71 12.86
C ARG D 125 3.57 12.11 14.23
N GLU D 126 4.54 11.34 14.74
CA GLU D 126 4.41 10.65 16.02
C GLU D 126 4.50 11.60 17.20
N SER E 5 7.44 -17.06 18.54
CA SER E 5 8.01 -16.39 17.37
C SER E 5 9.32 -17.02 16.91
N ARG E 6 9.28 -18.27 16.43
CA ARG E 6 10.47 -19.09 16.24
C ARG E 6 10.97 -19.14 14.80
N ARG E 7 10.16 -19.65 13.85
CA ARG E 7 10.65 -19.93 12.50
C ARG E 7 9.94 -19.08 11.46
N SER E 8 10.73 -18.54 10.53
CA SER E 8 10.33 -17.40 9.73
C SER E 8 9.49 -17.84 8.52
N GLY E 9 8.69 -16.91 8.02
CA GLY E 9 7.91 -17.17 6.83
C GLY E 9 6.73 -16.24 6.73
N TYR E 10 5.99 -16.44 5.64
CA TYR E 10 4.89 -15.59 5.24
C TYR E 10 3.58 -16.36 5.34
N ILE E 11 2.53 -15.65 5.76
CA ILE E 11 1.16 -16.13 5.73
C ILE E 11 0.31 -15.04 5.12
N THR E 12 -0.54 -15.41 4.17
CA THR E 12 -1.41 -14.45 3.50
C THR E 12 -2.86 -14.72 3.87
N ILE E 13 -3.58 -13.65 4.24
CA ILE E 13 -4.97 -13.71 4.64
C ILE E 13 -5.80 -13.07 3.54
N GLY E 14 -6.81 -13.78 3.06
CA GLY E 14 -7.65 -13.27 2.01
C GLY E 14 -9.12 -13.42 2.36
N TYR E 15 -9.94 -12.57 1.73
CA TYR E 15 -11.38 -12.75 1.77
C TYR E 15 -11.99 -11.99 0.60
N ARG E 16 -13.12 -12.50 0.11
CA ARG E 16 -13.89 -11.85 -0.95
C ARG E 16 -15.14 -11.22 -0.37
N GLY E 17 -15.33 -9.92 -0.62
CA GLY E 17 -16.45 -9.19 -0.09
C GLY E 17 -17.33 -8.60 -1.20
N SER E 18 -18.44 -8.01 -0.78
CA SER E 18 -19.41 -7.41 -1.69
C SER E 18 -19.64 -5.94 -1.37
N ARG E 32 -19.05 -4.51 6.43
CA ARG E 32 -18.61 -5.52 5.47
C ARG E 32 -19.17 -6.90 5.84
N ARG E 33 -19.46 -7.70 4.81
CA ARG E 33 -19.87 -9.09 5.00
C ARG E 33 -18.69 -9.97 4.66
N VAL E 34 -18.13 -10.62 5.68
CA VAL E 34 -16.96 -11.47 5.50
C VAL E 34 -17.46 -12.90 5.29
N ALA E 35 -17.55 -13.32 4.03
CA ALA E 35 -17.99 -14.66 3.72
C ALA E 35 -17.03 -15.72 4.27
N ARG E 36 -15.79 -15.72 3.78
CA ARG E 36 -14.82 -16.73 4.16
C ARG E 36 -13.43 -16.12 4.17
N ILE E 37 -12.64 -16.49 5.17
CA ILE E 37 -11.27 -16.00 5.32
C ILE E 37 -10.33 -17.12 4.91
N THR E 38 -9.58 -16.91 3.83
CA THR E 38 -8.65 -17.92 3.36
C THR E 38 -7.25 -17.69 3.94
N VAL E 39 -6.51 -18.78 4.10
CA VAL E 39 -5.16 -18.77 4.65
C VAL E 39 -4.23 -19.46 3.64
N CYS E 40 -3.17 -18.76 3.22
CA CYS E 40 -2.16 -19.31 2.32
C CYS E 40 -0.78 -19.21 2.94
N GLY E 41 0.01 -20.23 2.75
CA GLY E 41 1.39 -20.23 3.21
C GLY E 41 1.83 -21.65 3.53
N LYS E 42 2.99 -21.74 4.19
CA LYS E 42 3.47 -23.02 4.71
C LYS E 42 2.43 -23.64 5.64
N THR E 43 2.08 -24.91 5.37
CA THR E 43 1.02 -25.55 6.14
C THR E 43 1.40 -25.64 7.61
N SER E 44 2.67 -25.92 7.90
CA SER E 44 3.11 -26.02 9.29
C SER E 44 3.00 -24.66 10.00
N LEU E 45 3.30 -23.58 9.28
CA LEU E 45 3.16 -22.24 9.87
C LEU E 45 1.69 -21.93 10.17
N ALA E 46 0.82 -22.21 9.20
CA ALA E 46 -0.59 -21.87 9.39
C ALA E 46 -1.21 -22.65 10.55
N LYS E 47 -0.80 -23.90 10.73
CA LYS E 47 -1.31 -24.69 11.86
C LYS E 47 -0.75 -24.20 13.17
N GLU E 48 0.52 -23.78 13.18
CA GLU E 48 1.08 -23.18 14.38
C GLU E 48 0.25 -21.96 14.81
N VAL E 49 -0.16 -21.15 13.84
CA VAL E 49 -0.82 -19.89 14.20
C VAL E 49 -2.28 -20.13 14.58
N PHE E 50 -2.99 -20.98 13.85
CA PHE E 50 -4.45 -21.01 13.94
C PHE E 50 -5.02 -22.25 14.60
N GLY E 51 -4.24 -23.31 14.73
CA GLY E 51 -4.70 -24.51 15.43
C GLY E 51 -6.00 -25.03 14.85
N ASP E 52 -6.92 -25.38 15.74
CA ASP E 52 -8.18 -25.99 15.31
C ASP E 52 -9.19 -25.00 14.76
N THR E 53 -8.90 -23.68 14.80
CA THR E 53 -9.75 -22.74 14.05
C THR E 53 -9.59 -22.90 12.56
N LEU E 54 -8.69 -23.79 12.15
CA LEU E 54 -8.31 -24.02 10.77
C LEU E 54 -8.94 -25.32 10.29
N ASN E 55 -9.83 -25.22 9.33
CA ASN E 55 -10.35 -26.41 8.66
C ASN E 55 -9.67 -26.51 7.29
N GLU E 56 -9.03 -27.65 7.04
CA GLU E 56 -8.23 -27.81 5.85
C GLU E 56 -9.08 -28.19 4.65
N SER E 57 -10.07 -29.06 4.85
CA SER E 57 -11.13 -29.31 3.87
C SER E 57 -10.59 -29.76 2.52
N ARG E 58 -9.50 -30.53 2.52
CA ARG E 58 -8.95 -31.07 1.28
C ARG E 58 -8.35 -32.44 1.61
N ASP E 59 -9.16 -33.48 1.46
CA ASP E 59 -8.78 -34.87 1.74
C ASP E 59 -8.07 -35.02 3.07
N PRO E 63 -2.56 -36.63 0.62
CA PRO E 63 -1.78 -36.13 1.76
C PRO E 63 -1.46 -34.64 1.65
N PRO E 64 -1.26 -33.97 2.79
CA PRO E 64 -1.06 -32.51 2.77
C PRO E 64 0.27 -32.13 2.13
N GLU E 65 0.26 -30.96 1.49
CA GLU E 65 1.46 -30.42 0.86
C GLU E 65 2.18 -29.50 1.83
N ARG E 66 3.41 -29.12 1.47
CA ARG E 66 4.16 -28.21 2.34
C ARG E 66 3.50 -26.83 2.36
N TYR E 67 3.05 -26.35 1.20
CA TYR E 67 2.37 -25.08 1.03
C TYR E 67 0.94 -25.30 0.61
N THR E 68 0.04 -24.45 1.09
CA THR E 68 -1.36 -24.49 0.70
C THR E 68 -1.81 -23.10 0.28
N SER E 69 -2.87 -23.09 -0.53
CA SER E 69 -3.62 -21.86 -0.79
C SER E 69 -5.12 -22.11 -0.62
N ARG E 70 -5.49 -23.17 0.09
CA ARG E 70 -6.89 -23.57 0.18
C ARG E 70 -7.37 -23.77 1.61
N TYR E 71 -6.56 -23.43 2.61
CA TYR E 71 -7.05 -23.39 3.97
C TYR E 71 -7.98 -22.19 4.14
N TYR E 72 -8.88 -22.30 5.12
CA TYR E 72 -9.76 -21.19 5.45
C TYR E 72 -10.10 -21.29 6.93
N LEU E 73 -10.70 -20.24 7.47
CA LEU E 73 -10.90 -20.10 8.90
C LEU E 73 -12.37 -20.24 9.27
N LYS E 74 -12.61 -20.85 10.44
CA LYS E 74 -13.97 -21.07 10.92
C LYS E 74 -14.68 -19.79 11.31
N PHE E 75 -13.96 -18.80 11.85
CA PHE E 75 -14.58 -17.55 12.24
C PHE E 75 -14.55 -16.55 11.09
N ASN E 76 -15.28 -15.45 11.26
CA ASN E 76 -15.51 -14.50 10.18
C ASN E 76 -15.03 -13.08 10.48
N PHE E 77 -14.44 -12.82 11.63
CA PHE E 77 -13.92 -11.49 11.91
C PHE E 77 -12.45 -11.45 11.46
N LEU E 78 -12.18 -10.61 10.46
CA LEU E 78 -10.83 -10.49 9.91
C LEU E 78 -9.83 -10.13 11.00
N GLU E 79 -10.18 -9.16 11.87
CA GLU E 79 -9.27 -8.72 12.91
C GLU E 79 -8.96 -9.85 13.89
N GLN E 80 -9.90 -10.78 14.07
CA GLN E 80 -9.61 -11.93 14.91
C GLN E 80 -8.49 -12.78 14.31
N ALA E 81 -8.44 -12.87 12.98
CA ALA E 81 -7.33 -13.55 12.32
C ALA E 81 -6.03 -12.76 12.48
N PHE E 82 -6.10 -11.44 12.26
CA PHE E 82 -4.94 -10.57 12.45
C PHE E 82 -4.40 -10.68 13.86
N ASP E 83 -5.29 -10.68 14.86
CA ASP E 83 -4.86 -10.74 16.25
C ASP E 83 -4.14 -12.06 16.54
N LYS E 84 -4.63 -13.17 15.98
CA LYS E 84 -3.95 -14.45 16.21
C LYS E 84 -2.57 -14.46 15.56
N LEU E 85 -2.44 -13.86 14.38
CA LEU E 85 -1.12 -13.74 13.76
C LEU E 85 -0.18 -12.94 14.66
N SER E 86 -0.66 -11.81 15.22
CA SER E 86 0.15 -11.03 16.13
C SER E 86 0.62 -11.88 17.31
N GLU E 87 -0.26 -12.72 17.83
CA GLU E 87 0.11 -13.52 19.01
C GLU E 87 1.27 -14.45 18.71
N SER E 88 1.39 -14.91 17.46
CA SER E 88 2.48 -15.77 17.03
C SER E 88 3.68 -15.01 16.47
N GLY E 89 3.68 -13.68 16.50
CA GLY E 89 4.83 -12.93 16.07
C GLY E 89 4.86 -12.53 14.61
N PHE E 90 3.73 -12.66 13.91
CA PHE E 90 3.60 -12.21 12.54
C PHE E 90 3.12 -10.76 12.50
N HIS E 91 3.61 -10.01 11.52
CA HIS E 91 3.29 -8.61 11.30
C HIS E 91 2.76 -8.41 9.88
N MET E 92 1.77 -7.54 9.75
CA MET E 92 1.25 -7.23 8.41
C MET E 92 2.23 -6.33 7.68
N VAL E 93 2.65 -6.75 6.48
CA VAL E 93 3.61 -5.98 5.70
C VAL E 93 3.05 -5.46 4.39
N ALA E 94 1.87 -5.91 3.97
CA ALA E 94 1.34 -5.39 2.71
C ALA E 94 -0.12 -5.78 2.62
N CYS E 95 -0.84 -5.07 1.77
CA CYS E 95 -2.18 -5.53 1.44
C CYS E 95 -2.56 -4.98 0.08
N SER E 96 -3.50 -5.68 -0.56
CA SER E 96 -3.99 -5.25 -1.86
C SER E 96 -5.41 -5.78 -2.01
N SER E 97 -6.15 -5.12 -2.90
CA SER E 97 -7.48 -5.58 -3.25
C SER E 97 -7.74 -5.29 -4.71
N THR E 98 -8.59 -6.12 -5.32
CA THR E 98 -9.06 -5.91 -6.69
C THR E 98 -10.55 -6.13 -6.75
N GLY E 99 -11.22 -5.31 -7.55
CA GLY E 99 -12.66 -5.42 -7.70
C GLY E 99 -13.08 -5.20 -9.14
N THR E 100 -14.21 -5.79 -9.50
CA THR E 100 -14.91 -5.49 -10.74
C THR E 100 -16.41 -5.48 -10.46
N CYS E 101 -17.12 -4.59 -11.12
CA CYS E 101 -18.53 -4.40 -10.85
C CYS E 101 -19.38 -5.33 -11.71
N ALA E 102 -20.54 -5.72 -11.16
CA ALA E 102 -21.46 -6.60 -11.86
C ALA E 102 -22.89 -6.43 -11.33
N THR E 116 -17.90 -7.37 -7.21
CA THR E 116 -17.34 -7.68 -5.90
C THR E 116 -15.84 -7.41 -5.87
N SER E 117 -15.20 -7.76 -4.76
CA SER E 117 -13.78 -7.47 -4.57
C SER E 117 -13.11 -8.63 -3.83
N TYR E 118 -11.79 -8.69 -3.98
CA TYR E 118 -10.98 -9.64 -3.24
C TYR E 118 -9.84 -8.87 -2.57
N THR E 119 -9.71 -9.02 -1.25
CA THR E 119 -8.69 -8.30 -0.51
C THR E 119 -7.73 -9.31 0.10
N GLU E 120 -6.46 -8.94 0.14
CA GLU E 120 -5.42 -9.83 0.62
C GLU E 120 -4.48 -9.07 1.56
N TYR E 121 -4.14 -9.70 2.68
CA TYR E 121 -3.26 -9.11 3.69
C TYR E 121 -2.08 -10.05 3.89
N VAL E 122 -0.87 -9.54 3.66
CA VAL E 122 0.34 -10.36 3.76
C VAL E 122 0.96 -10.15 5.12
N PHE E 123 1.19 -11.25 5.83
CA PHE E 123 1.89 -11.22 7.11
C PHE E 123 3.23 -11.91 6.99
N CYS E 124 4.17 -11.50 7.84
CA CYS E 124 5.53 -12.02 7.83
C CYS E 124 6.02 -12.15 9.26
N ARG E 125 6.67 -13.26 9.58
CA ARG E 125 7.40 -13.40 10.83
C ARG E 125 8.87 -13.52 10.50
N GLU E 126 9.69 -12.65 11.08
CA GLU E 126 11.13 -12.57 10.80
C GLU E 126 11.87 -13.72 11.42
#